data_5TJJ
#
_entry.id   5TJJ
#
_cell.length_a   98.380
_cell.length_b   98.380
_cell.length_c   119.485
_cell.angle_alpha   90.00
_cell.angle_beta   90.00
_cell.angle_gamma   90.00
#
_symmetry.space_group_name_H-M   'P 41 21 2'
#
loop_
_entity.id
_entity.type
_entity.pdbx_description
1 polymer 'Transcriptional regulator, IclR family'
2 non-polymer GLYCEROL
3 water water
#
_entity_poly.entity_id   1
_entity_poly.type   'polypeptide(L)'
_entity_poly.pdbx_seq_one_letter_code
;SNA(MSE)DYQVPSVALAARVLKLLSRHKYRQSTLTEIAERLGVNKTTCLRVLRTLEREDFVSYDPQSRRYSLGPYLIPL
GARAADLNDVYAHALAELHQVAAHTG(MSE)TAVLVKRLRDDRVIYIGSAEPPGDGVRIAVSVGQQFPVYGAAFGRCFLA
YDDESTWRRVLREGLKAYTPNSITDEEEYVRLLQEVREKGYAVSHGELWPGISAVAVPVFNQQNKVDLVLSCLT(MSE)T
SVIQGEDVERAVKALKESAAKVSAWSGYQGRA
;
_entity_poly.pdbx_strand_id   A,B
#
loop_
_chem_comp.id
_chem_comp.type
_chem_comp.name
_chem_comp.formula
GOL non-polymer GLYCEROL 'C3 H8 O3'
#
# COMPACT_ATOMS: atom_id res chain seq x y z
N MSE A 4 -4.67 -14.26 24.03
CA MSE A 4 -3.87 -15.43 23.57
C MSE A 4 -2.41 -15.23 23.86
O MSE A 4 -1.93 -14.10 24.00
CB MSE A 4 -4.13 -15.70 22.07
CG MSE A 4 -3.84 -17.12 21.54
SE MSE A 4 -4.44 -18.62 22.70
CE MSE A 4 -3.06 -20.00 22.46
N ASP A 5 -1.67 -16.34 23.97
CA ASP A 5 -0.24 -16.35 24.24
C ASP A 5 0.58 -16.08 22.98
N TYR A 6 -0.07 -15.95 21.83
CA TYR A 6 0.60 -15.57 20.60
C TYR A 6 0.32 -14.12 20.27
N GLN A 7 -0.27 -13.39 21.21
CA GLN A 7 -0.56 -11.97 21.07
C GLN A 7 0.59 -11.18 21.71
N VAL A 8 1.31 -10.36 20.92
CA VAL A 8 2.50 -9.62 21.42
C VAL A 8 2.16 -8.12 21.53
N PRO A 9 1.96 -7.64 22.78
CA PRO A 9 1.41 -6.26 22.93
C PRO A 9 2.25 -5.10 22.36
N SER A 10 3.57 -5.25 22.32
CA SER A 10 4.43 -4.21 21.74
C SER A 10 4.29 -4.10 20.21
N VAL A 11 3.96 -5.20 19.54
CA VAL A 11 3.78 -5.18 18.08
C VAL A 11 2.39 -4.68 17.75
N ALA A 12 1.42 -5.00 18.61
CA ALA A 12 0.07 -4.42 18.51
C ALA A 12 0.09 -2.90 18.65
N LEU A 13 0.97 -2.39 19.51
CA LEU A 13 1.09 -0.94 19.75
C LEU A 13 1.82 -0.28 18.58
N ALA A 14 2.85 -0.92 18.06
CA ALA A 14 3.52 -0.45 16.84
C ALA A 14 2.49 -0.23 15.73
N ALA A 15 1.62 -1.21 15.52
CA ALA A 15 0.57 -1.12 14.52
C ALA A 15 -0.38 0.03 14.78
N ARG A 16 -0.80 0.21 16.04
CA ARG A 16 -1.69 1.33 16.39
C ARG A 16 -1.02 2.69 16.15
N VAL A 17 0.27 2.78 16.47
CA VAL A 17 1.05 3.99 16.25
C VAL A 17 1.05 4.33 14.76
N LEU A 18 1.30 3.33 13.91
CA LEU A 18 1.38 3.59 12.48
C LEU A 18 0.04 3.92 11.88
N LYS A 19 -1.01 3.26 12.37
CA LYS A 19 -2.37 3.60 11.94
C LYS A 19 -2.74 5.02 12.30
N LEU A 20 -2.30 5.50 13.46
CA LEU A 20 -2.58 6.87 13.90
C LEU A 20 -1.84 7.90 13.04
N LEU A 21 -0.56 7.65 12.79
CA LEU A 21 0.24 8.58 11.98
C LEU A 21 -0.17 8.68 10.51
N SER A 22 -1.07 7.80 10.08
CA SER A 22 -1.56 7.78 8.73
C SER A 22 -2.81 8.63 8.59
N ARG A 23 -3.31 9.20 9.69
CA ARG A 23 -4.43 10.15 9.64
C ARG A 23 -3.89 11.53 9.39
N HIS A 24 -4.47 12.24 8.42
CA HIS A 24 -3.99 13.58 8.05
C HIS A 24 -3.79 14.46 9.27
N LYS A 25 -4.71 14.40 10.22
CA LYS A 25 -4.65 15.23 11.41
C LYS A 25 -3.40 14.97 12.25
N TYR A 26 -3.04 13.70 12.43
CA TYR A 26 -1.92 13.30 13.27
C TYR A 26 -0.65 12.97 12.49
N ARG A 27 -0.52 13.46 11.25
CA ARG A 27 0.59 13.08 10.39
C ARG A 27 1.97 13.49 10.86
N GLN A 28 2.04 14.63 11.55
CA GLN A 28 3.23 15.07 12.27
C GLN A 28 2.83 15.26 13.75
N SER A 29 3.14 14.26 14.59
CA SER A 29 2.65 14.21 15.98
C SER A 29 3.76 14.12 17.01
N THR A 30 3.67 14.94 18.08
CA THR A 30 4.65 14.85 19.17
C THR A 30 4.38 13.58 19.98
N LEU A 31 5.36 13.22 20.82
CA LEU A 31 5.28 12.04 21.65
C LEU A 31 4.05 12.16 22.56
N THR A 32 3.83 13.34 23.15
CA THR A 32 2.70 13.56 24.05
C THR A 32 1.37 13.32 23.35
N GLU A 33 1.18 13.98 22.21
CA GLU A 33 -0.05 13.83 21.44
C GLU A 33 -0.33 12.34 21.11
N ILE A 34 0.70 11.62 20.67
CA ILE A 34 0.57 10.19 20.39
C ILE A 34 0.13 9.38 21.63
N ALA A 35 0.89 9.53 22.71
CA ALA A 35 0.60 8.78 23.95
C ALA A 35 -0.77 9.11 24.53
N GLU A 36 -1.15 10.38 24.53
CA GLU A 36 -2.47 10.76 25.00
C GLU A 36 -3.58 10.21 24.09
N ARG A 37 -3.41 10.28 22.78
CA ARG A 37 -4.45 9.82 21.84
C ARG A 37 -4.66 8.31 21.89
N LEU A 38 -3.59 7.55 22.07
CA LEU A 38 -3.69 6.10 22.21
C LEU A 38 -4.08 5.65 23.63
N GLY A 39 -3.89 6.52 24.63
CA GLY A 39 -4.12 6.15 26.02
C GLY A 39 -3.08 5.16 26.54
N VAL A 40 -1.83 5.36 26.12
CA VAL A 40 -0.72 4.53 26.56
C VAL A 40 0.31 5.40 27.27
N ASN A 41 1.00 4.81 28.23
CA ASN A 41 2.10 5.44 28.93
C ASN A 41 3.17 5.96 27.95
N LYS A 42 3.58 7.22 28.10
CA LYS A 42 4.55 7.88 27.17
C LYS A 42 5.88 7.15 27.00
N THR A 43 6.43 6.60 28.08
CA THR A 43 7.66 5.84 28.00
C THR A 43 7.50 4.61 27.10
N THR A 44 6.45 3.83 27.33
CA THR A 44 6.11 2.69 26.47
C THR A 44 6.12 3.09 25.00
N CYS A 45 5.47 4.21 24.70
CA CYS A 45 5.46 4.79 23.35
C CYS A 45 6.81 5.16 22.78
N LEU A 46 7.66 5.73 23.61
CA LEU A 46 8.96 6.19 23.14
C LEU A 46 9.76 5.00 22.61
N ARG A 47 9.82 3.94 23.41
CA ARG A 47 10.60 2.77 23.04
C ARG A 47 10.19 2.17 21.68
N VAL A 48 8.88 2.09 21.45
CA VAL A 48 8.33 1.56 20.21
C VAL A 48 8.63 2.48 19.04
N LEU A 49 8.31 3.76 19.22
CA LEU A 49 8.63 4.81 18.24
C LEU A 49 10.11 4.82 17.83
N ARG A 50 11.01 4.84 18.80
CA ARG A 50 12.42 4.85 18.48
C ARG A 50 12.86 3.53 17.78
N THR A 51 12.22 2.41 18.13
CA THR A 51 12.52 1.13 17.49
C THR A 51 12.06 1.16 16.03
N LEU A 52 10.84 1.68 15.80
CA LEU A 52 10.33 1.89 14.45
C LEU A 52 11.19 2.84 13.62
N GLU A 53 11.65 3.92 14.24
CA GLU A 53 12.54 4.89 13.60
C GLU A 53 13.86 4.28 13.15
N ARG A 54 14.37 3.33 13.93
CA ARG A 54 15.63 2.69 13.64
C ARG A 54 15.51 1.86 12.34
N GLU A 55 14.34 1.26 12.13
CA GLU A 55 14.07 0.47 10.93
C GLU A 55 13.50 1.31 9.77
N ASP A 56 13.37 2.64 9.96
CA ASP A 56 12.87 3.59 8.94
C ASP A 56 11.34 3.42 8.64
N PHE A 57 10.59 2.80 9.56
CA PHE A 57 9.13 2.72 9.48
C PHE A 57 8.45 3.99 10.03
N VAL A 58 9.20 4.75 10.84
CA VAL A 58 8.78 6.06 11.36
C VAL A 58 9.92 7.05 11.12
N SER A 59 9.63 8.33 10.96
CA SER A 59 10.70 9.34 11.08
C SER A 59 10.40 10.37 12.12
N TYR A 60 11.46 11.06 12.52
CA TYR A 60 11.42 12.06 13.57
C TYR A 60 12.09 13.33 13.01
N ASP A 61 11.50 14.48 13.28
CA ASP A 61 12.05 15.74 12.89
C ASP A 61 12.57 16.38 14.19
N PRO A 62 13.90 16.50 14.34
CA PRO A 62 14.44 17.07 15.60
C PRO A 62 14.06 18.52 15.89
N GLN A 63 13.69 19.30 14.87
CA GLN A 63 13.25 20.71 15.06
C GLN A 63 11.93 20.83 15.82
N SER A 64 10.89 20.23 15.27
CA SER A 64 9.51 20.31 15.80
C SER A 64 9.19 19.21 16.81
N ARG A 65 10.04 18.18 16.85
CA ARG A 65 9.91 17.03 17.78
C ARG A 65 8.72 16.14 17.45
N ARG A 66 8.41 16.06 16.16
CA ARG A 66 7.24 15.33 15.66
C ARG A 66 7.63 14.12 14.86
N TYR A 67 6.82 13.06 15.02
CA TYR A 67 7.00 11.79 14.35
C TYR A 67 6.01 11.68 13.20
N SER A 68 6.37 10.89 12.20
CA SER A 68 5.55 10.70 11.02
C SER A 68 5.85 9.37 10.41
N LEU A 69 4.96 8.94 9.52
CA LEU A 69 5.19 7.71 8.75
C LEU A 69 6.52 7.75 8.02
N GLY A 70 7.35 6.74 8.24
CA GLY A 70 8.66 6.65 7.61
C GLY A 70 8.63 6.08 6.19
N PRO A 71 9.73 6.26 5.43
CA PRO A 71 9.73 5.90 4.01
C PRO A 71 9.76 4.42 3.64
N TYR A 72 10.13 3.53 4.55
CA TYR A 72 10.15 2.10 4.26
C TYR A 72 8.74 1.55 4.00
N LEU A 73 7.72 2.19 4.56
CA LEU A 73 6.34 1.77 4.32
C LEU A 73 5.90 1.94 2.85
N ILE A 74 6.57 2.79 2.08
CA ILE A 74 6.17 3.02 0.69
C ILE A 74 6.45 1.78 -0.21
N PRO A 75 7.68 1.22 -0.16
CA PRO A 75 7.92 0.03 -0.96
C PRO A 75 7.26 -1.20 -0.39
N LEU A 76 7.07 -1.30 0.91
CA LEU A 76 6.22 -2.37 1.48
C LEU A 76 4.82 -2.39 0.94
N GLY A 77 4.21 -1.21 0.89
CA GLY A 77 2.86 -1.03 0.33
C GLY A 77 2.77 -1.47 -1.12
N ALA A 78 3.75 -1.07 -1.90
CA ALA A 78 3.83 -1.39 -3.33
C ALA A 78 4.01 -2.88 -3.56
N ARG A 79 4.86 -3.51 -2.76
CA ARG A 79 5.08 -4.95 -2.88
C ARG A 79 3.90 -5.79 -2.43
N ALA A 80 3.26 -5.37 -1.33
CA ALA A 80 2.01 -5.96 -0.86
C ALA A 80 0.89 -5.93 -1.92
N ALA A 81 0.61 -4.73 -2.48
CA ALA A 81 -0.37 -4.54 -3.55
C ALA A 81 -0.01 -5.34 -4.79
N ASP A 82 1.26 -5.39 -5.10
CA ASP A 82 1.72 -6.07 -6.32
C ASP A 82 1.43 -7.60 -6.25
N LEU A 83 1.60 -8.19 -5.07
CA LEU A 83 1.26 -9.58 -4.84
C LEU A 83 -0.25 -9.85 -4.87
N ASN A 84 -0.98 -9.10 -4.04
CA ASN A 84 -2.43 -9.15 -3.96
C ASN A 84 -2.94 -7.75 -3.67
N ASP A 85 -3.69 -7.17 -4.60
CA ASP A 85 -4.17 -5.82 -4.39
C ASP A 85 -5.47 -5.87 -3.56
N VAL A 86 -6.04 -4.71 -3.26
CA VAL A 86 -7.20 -4.63 -2.38
C VAL A 86 -8.38 -5.46 -2.90
N TYR A 87 -8.59 -5.42 -4.20
CA TYR A 87 -9.73 -6.11 -4.81
C TYR A 87 -9.54 -7.63 -4.61
N ALA A 88 -8.34 -8.15 -4.87
CA ALA A 88 -7.96 -9.56 -4.56
C ALA A 88 -8.24 -9.97 -3.11
N HIS A 89 -7.81 -9.12 -2.16
CA HIS A 89 -8.10 -9.35 -0.74
C HIS A 89 -9.57 -9.29 -0.42
N ALA A 90 -10.26 -8.37 -1.09
CA ALA A 90 -11.70 -8.24 -0.96
C ALA A 90 -12.36 -9.53 -1.42
N LEU A 91 -11.95 -10.05 -2.58
CA LEU A 91 -12.51 -11.33 -3.07
C LEU A 91 -12.32 -12.45 -2.06
N ALA A 92 -11.12 -12.51 -1.45
CA ALA A 92 -10.79 -13.56 -0.48
C ALA A 92 -11.71 -13.48 0.76
N GLU A 93 -11.95 -12.28 1.21
CA GLU A 93 -12.87 -12.08 2.33
C GLU A 93 -14.33 -12.46 1.91
N LEU A 94 -14.70 -12.28 0.64
CA LEU A 94 -16.02 -12.73 0.17
C LEU A 94 -16.21 -14.22 0.27
N HIS A 95 -15.15 -14.99 0.00
CA HIS A 95 -15.20 -16.44 0.18
C HIS A 95 -15.42 -16.82 1.63
N GLN A 96 -14.86 -16.06 2.57
CA GLN A 96 -15.13 -16.30 4.00
C GLN A 96 -16.62 -16.08 4.34
N VAL A 97 -17.18 -15.03 3.77
CA VAL A 97 -18.57 -14.64 3.98
C VAL A 97 -19.50 -15.70 3.43
N ALA A 98 -19.22 -16.15 2.20
CA ALA A 98 -19.92 -17.25 1.58
C ALA A 98 -19.87 -18.55 2.41
N ALA A 99 -18.70 -18.84 2.99
CA ALA A 99 -18.51 -20.02 3.82
C ALA A 99 -19.29 -19.92 5.12
N HIS A 100 -19.28 -18.76 5.77
CA HIS A 100 -19.98 -18.56 7.04
C HIS A 100 -21.49 -18.46 6.86
N THR A 101 -21.95 -17.81 5.78
CA THR A 101 -23.40 -17.65 5.49
C THR A 101 -24.09 -18.78 4.69
N GLY A 102 -23.34 -19.54 3.91
CA GLY A 102 -23.94 -20.44 2.88
C GLY A 102 -24.67 -19.68 1.75
N MSE A 103 -24.29 -18.43 1.51
CA MSE A 103 -24.90 -17.57 0.49
C MSE A 103 -23.88 -17.21 -0.53
O MSE A 103 -22.67 -17.28 -0.28
CB MSE A 103 -25.43 -16.29 1.10
CG MSE A 103 -26.57 -16.61 2.08
SE MSE A 103 -27.31 -15.00 2.93
CE MSE A 103 -28.62 -15.82 4.17
N THR A 104 -24.35 -16.79 -1.70
CA THR A 104 -23.43 -16.31 -2.73
C THR A 104 -23.09 -14.87 -2.37
N ALA A 105 -21.81 -14.56 -2.34
CA ALA A 105 -21.34 -13.25 -1.96
C ALA A 105 -20.80 -12.53 -3.19
N VAL A 106 -21.00 -11.22 -3.24
CA VAL A 106 -20.77 -10.46 -4.43
C VAL A 106 -20.14 -9.10 -4.11
N LEU A 107 -19.18 -8.71 -4.95
CA LEU A 107 -18.50 -7.44 -4.79
C LEU A 107 -18.98 -6.46 -5.89
N VAL A 108 -19.63 -5.36 -5.46
CA VAL A 108 -20.25 -4.39 -6.37
C VAL A 108 -19.48 -3.06 -6.39
N LYS A 109 -19.28 -2.51 -7.58
CA LYS A 109 -18.50 -1.27 -7.71
C LYS A 109 -19.30 -0.21 -8.42
N ARG A 110 -19.14 1.03 -7.98
CA ARG A 110 -19.80 2.13 -8.63
C ARG A 110 -19.13 2.52 -9.95
N LEU A 111 -19.94 2.84 -10.96
CA LEU A 111 -19.46 3.45 -12.20
C LEU A 111 -20.00 4.86 -12.31
N ARG A 112 -19.52 5.57 -13.32
CA ARG A 112 -20.13 6.82 -13.74
C ARG A 112 -21.51 6.56 -14.38
N ASP A 113 -22.34 7.59 -14.38
CA ASP A 113 -23.63 7.61 -15.04
C ASP A 113 -24.66 6.67 -14.41
N ASP A 114 -24.74 6.74 -13.09
CA ASP A 114 -25.76 6.06 -12.27
C ASP A 114 -25.82 4.54 -12.47
N ARG A 115 -24.68 3.92 -12.77
CA ARG A 115 -24.59 2.48 -12.91
C ARG A 115 -23.72 1.92 -11.81
N VAL A 116 -23.94 0.63 -11.53
CA VAL A 116 -23.05 -0.19 -10.70
C VAL A 116 -22.75 -1.44 -11.46
N ILE A 117 -21.66 -2.13 -11.08
CA ILE A 117 -21.24 -3.36 -11.75
C ILE A 117 -20.73 -4.43 -10.76
N TYR A 118 -21.14 -5.68 -10.98
CA TYR A 118 -20.51 -6.82 -10.31
C TYR A 118 -19.08 -7.00 -10.82
N ILE A 119 -18.11 -6.98 -9.90
CA ILE A 119 -16.69 -7.19 -10.25
C ILE A 119 -16.09 -8.50 -9.69
N GLY A 120 -16.85 -9.25 -8.92
CA GLY A 120 -16.38 -10.54 -8.42
C GLY A 120 -17.48 -11.22 -7.63
N SER A 121 -17.43 -12.54 -7.53
CA SER A 121 -18.34 -13.31 -6.70
C SER A 121 -17.63 -14.50 -6.10
N ALA A 122 -18.28 -15.08 -5.09
CA ALA A 122 -17.81 -16.25 -4.38
C ALA A 122 -19.02 -17.06 -3.98
N GLU A 123 -19.13 -18.24 -4.58
CA GLU A 123 -20.20 -19.16 -4.29
C GLU A 123 -19.80 -19.84 -2.99
N PRO A 124 -20.78 -20.26 -2.16
CA PRO A 124 -20.43 -21.03 -0.96
C PRO A 124 -19.85 -22.43 -1.29
N PRO A 125 -19.02 -22.96 -0.38
CA PRO A 125 -18.30 -24.22 -0.66
C PRO A 125 -19.23 -25.46 -0.70
N GLY A 126 -18.73 -26.52 -1.33
CA GLY A 126 -19.44 -27.78 -1.44
C GLY A 126 -20.06 -27.90 -2.81
N ASP A 127 -20.73 -29.02 -2.99
CA ASP A 127 -21.43 -29.34 -4.20
C ASP A 127 -22.95 -29.23 -3.97
N GLY A 128 -23.70 -29.08 -5.05
CA GLY A 128 -25.14 -28.91 -5.03
C GLY A 128 -25.48 -27.69 -5.86
N VAL A 129 -26.65 -27.15 -5.61
CA VAL A 129 -27.08 -25.95 -6.32
C VAL A 129 -26.61 -24.71 -5.62
N ARG A 130 -26.53 -23.63 -6.36
CA ARG A 130 -26.17 -22.33 -5.85
C ARG A 130 -26.56 -21.28 -6.86
N ILE A 131 -26.65 -20.05 -6.37
CA ILE A 131 -26.99 -18.92 -7.19
C ILE A 131 -25.69 -18.39 -7.77
N ALA A 132 -25.63 -18.28 -9.10
CA ALA A 132 -24.47 -17.76 -9.78
C ALA A 132 -24.87 -16.44 -10.45
N VAL A 133 -23.90 -15.52 -10.53
CA VAL A 133 -24.10 -14.19 -11.10
C VAL A 133 -23.08 -13.95 -12.19
N SER A 134 -23.38 -13.03 -13.08
CA SER A 134 -22.43 -12.71 -14.14
C SER A 134 -21.56 -11.52 -13.70
N VAL A 135 -20.30 -11.81 -13.42
CA VAL A 135 -19.28 -10.78 -13.34
C VAL A 135 -19.34 -9.93 -14.63
N GLY A 136 -19.52 -8.63 -14.45
CA GLY A 136 -19.69 -7.70 -15.55
C GLY A 136 -21.09 -7.14 -15.74
N GLN A 137 -22.10 -7.77 -15.14
CA GLN A 137 -23.44 -7.24 -15.23
C GLN A 137 -23.53 -5.89 -14.53
N GLN A 138 -24.14 -4.94 -15.22
CA GLN A 138 -24.35 -3.60 -14.72
C GLN A 138 -25.80 -3.39 -14.36
N PHE A 139 -26.02 -2.54 -13.37
CA PHE A 139 -27.36 -2.23 -12.86
C PHE A 139 -27.47 -0.74 -12.56
N PRO A 140 -28.70 -0.24 -12.45
CA PRO A 140 -28.84 1.12 -11.96
C PRO A 140 -28.45 1.22 -10.49
N VAL A 141 -27.87 2.36 -10.14
CA VAL A 141 -27.42 2.66 -8.79
C VAL A 141 -28.51 2.60 -7.71
N TYR A 142 -29.79 2.77 -8.09
CA TYR A 142 -30.91 2.61 -7.14
C TYR A 142 -31.43 1.18 -6.90
N GLY A 143 -30.96 0.21 -7.68
CA GLY A 143 -31.56 -1.12 -7.70
C GLY A 143 -31.22 -1.94 -6.47
N ALA A 144 -32.25 -2.30 -5.70
CA ALA A 144 -32.15 -3.35 -4.67
C ALA A 144 -31.21 -2.96 -3.49
N ALA A 145 -30.86 -3.92 -2.64
CA ALA A 145 -30.07 -3.64 -1.43
C ALA A 145 -28.74 -2.93 -1.70
N PHE A 146 -28.03 -3.40 -2.71
CA PHE A 146 -26.72 -2.83 -3.01
C PHE A 146 -26.78 -1.41 -3.59
N GLY A 147 -27.84 -1.11 -4.36
CA GLY A 147 -28.08 0.24 -4.83
C GLY A 147 -28.24 1.23 -3.68
N ARG A 148 -29.15 0.91 -2.77
CA ARG A 148 -29.36 1.70 -1.57
C ARG A 148 -28.12 1.92 -0.69
N CYS A 149 -27.18 0.98 -0.70
CA CYS A 149 -25.95 1.19 0.04
C CYS A 149 -25.04 2.24 -0.57
N PHE A 150 -25.06 2.39 -1.91
CA PHE A 150 -24.30 3.49 -2.56
C PHE A 150 -25.04 4.80 -2.33
N LEU A 151 -26.32 4.84 -2.68
CA LEU A 151 -27.11 6.07 -2.64
C LEU A 151 -27.29 6.71 -1.27
N ALA A 152 -27.53 5.91 -0.26
CA ALA A 152 -27.79 6.43 1.06
C ALA A 152 -26.67 7.33 1.58
N TYR A 153 -25.46 7.13 1.06
CA TYR A 153 -24.29 7.90 1.49
C TYR A 153 -23.87 9.02 0.54
N ASP A 154 -24.63 9.29 -0.52
CA ASP A 154 -24.52 10.54 -1.26
C ASP A 154 -25.29 11.66 -0.59
N ASP A 155 -25.00 12.90 -1.00
CA ASP A 155 -25.80 14.06 -0.65
C ASP A 155 -27.27 13.78 -0.99
N GLU A 156 -28.16 14.35 -0.20
CA GLU A 156 -29.60 14.27 -0.46
C GLU A 156 -29.98 14.84 -1.80
N SER A 157 -29.22 15.79 -2.34
CA SER A 157 -29.49 16.33 -3.71
C SER A 157 -29.43 15.24 -4.79
N THR A 158 -28.57 14.25 -4.62
CA THR A 158 -28.52 13.09 -5.50
C THR A 158 -29.77 12.22 -5.32
N TRP A 159 -30.22 12.04 -4.09
CA TRP A 159 -31.41 11.24 -3.86
C TRP A 159 -32.55 11.85 -4.65
N ARG A 160 -32.71 13.16 -4.53
CA ARG A 160 -33.78 13.87 -5.19
C ARG A 160 -33.65 13.82 -6.71
N ARG A 161 -32.43 13.91 -7.24
CA ARG A 161 -32.23 13.79 -8.68
C ARG A 161 -32.65 12.41 -9.16
N VAL A 162 -32.15 11.37 -8.51
CA VAL A 162 -32.44 9.99 -8.92
C VAL A 162 -33.94 9.66 -8.83
N LEU A 163 -34.58 10.14 -7.76
CA LEU A 163 -36.02 10.01 -7.59
C LEU A 163 -36.86 10.76 -8.62
N ARG A 164 -36.57 12.03 -8.87
CA ARG A 164 -37.25 12.77 -9.92
C ARG A 164 -37.17 12.06 -11.30
N GLU A 165 -36.03 11.41 -11.59
CA GLU A 165 -35.80 10.74 -12.88
C GLU A 165 -36.45 9.37 -13.03
N GLY A 166 -37.13 8.91 -11.98
CA GLY A 166 -37.99 7.74 -12.08
C GLY A 166 -37.30 6.45 -11.68
N LEU A 167 -37.85 5.83 -10.65
CA LEU A 167 -37.48 4.49 -10.22
C LEU A 167 -38.23 3.46 -11.06
N LYS A 168 -37.47 2.62 -11.75
CA LYS A 168 -38.03 1.65 -12.70
C LYS A 168 -38.45 0.39 -11.97
N ALA A 169 -39.68 -0.03 -12.19
CA ALA A 169 -40.27 -1.19 -11.49
C ALA A 169 -39.94 -2.51 -12.19
N TYR A 170 -38.93 -3.24 -11.68
CA TYR A 170 -38.55 -4.55 -12.25
C TYR A 170 -39.52 -5.66 -11.88
N THR A 171 -40.07 -5.62 -10.67
CA THR A 171 -40.98 -6.67 -10.21
C THR A 171 -42.14 -6.02 -9.46
N PRO A 172 -43.13 -6.82 -9.00
CA PRO A 172 -44.17 -6.28 -8.10
C PRO A 172 -43.70 -5.82 -6.70
N ASN A 173 -42.49 -6.23 -6.29
CA ASN A 173 -41.92 -5.83 -5.01
C ASN A 173 -40.94 -4.69 -5.11
N SER A 174 -40.65 -4.22 -6.32
CA SER A 174 -39.84 -3.02 -6.51
C SER A 174 -40.43 -1.82 -5.77
N ILE A 175 -39.53 -1.02 -5.22
CA ILE A 175 -39.92 0.18 -4.51
C ILE A 175 -39.88 1.25 -5.57
N THR A 176 -41.05 1.78 -5.86
CA THR A 176 -41.25 2.94 -6.71
C THR A 176 -41.93 4.14 -6.00
N ASP A 177 -42.47 3.94 -4.79
CA ASP A 177 -42.99 5.02 -3.96
C ASP A 177 -41.86 5.89 -3.41
N GLU A 178 -41.82 7.15 -3.83
CA GLU A 178 -40.74 8.08 -3.46
C GLU A 178 -40.57 8.31 -1.97
N GLU A 179 -41.68 8.47 -1.25
CA GLU A 179 -41.61 8.69 0.21
C GLU A 179 -41.08 7.42 0.94
N GLU A 180 -41.46 6.23 0.45
CA GLU A 180 -40.90 4.97 0.97
C GLU A 180 -39.39 4.78 0.66
N TYR A 181 -38.96 5.16 -0.54
CA TYR A 181 -37.56 5.00 -0.91
C TYR A 181 -36.66 5.90 -0.06
N VAL A 182 -37.07 7.15 0.13
CA VAL A 182 -36.35 8.09 1.02
C VAL A 182 -36.26 7.52 2.44
N ARG A 183 -37.35 6.97 2.95
CA ARG A 183 -37.33 6.34 4.27
C ARG A 183 -36.35 5.14 4.32
N LEU A 184 -36.36 4.32 3.26
CA LEU A 184 -35.38 3.24 3.11
C LEU A 184 -33.92 3.74 3.01
N LEU A 185 -33.67 4.85 2.33
CA LEU A 185 -32.32 5.40 2.30
C LEU A 185 -31.92 5.93 3.67
N GLN A 186 -32.83 6.65 4.33
CA GLN A 186 -32.55 7.14 5.68
C GLN A 186 -32.18 6.00 6.60
N GLU A 187 -32.95 4.91 6.58
CA GLU A 187 -32.70 3.82 7.53
C GLU A 187 -31.41 3.08 7.19
N VAL A 188 -31.08 2.94 5.90
CA VAL A 188 -29.78 2.38 5.52
C VAL A 188 -28.64 3.25 6.09
N ARG A 189 -28.77 4.56 6.00
CA ARG A 189 -27.77 5.44 6.60
C ARG A 189 -27.76 5.33 8.15
N GLU A 190 -28.91 5.25 8.80
CA GLU A 190 -28.98 5.04 10.26
C GLU A 190 -28.31 3.68 10.59
N LYS A 191 -28.70 2.60 9.89
CA LYS A 191 -28.31 1.19 10.27
C LYS A 191 -27.05 0.56 9.68
N GLY A 192 -26.53 1.08 8.58
CA GLY A 192 -25.30 0.55 7.99
C GLY A 192 -25.45 -0.70 7.10
N TYR A 193 -26.67 -1.08 6.72
CA TYR A 193 -26.89 -2.20 5.80
C TYR A 193 -28.23 -2.06 5.13
N ALA A 194 -28.49 -2.86 4.09
CA ALA A 194 -29.82 -2.88 3.41
C ALA A 194 -30.26 -4.29 3.13
N VAL A 195 -31.55 -4.49 2.98
CA VAL A 195 -32.11 -5.79 2.66
C VAL A 195 -33.18 -5.58 1.61
N SER A 196 -33.20 -6.41 0.58
CA SER A 196 -34.22 -6.35 -0.44
C SER A 196 -34.73 -7.75 -0.67
N HIS A 197 -36.03 -7.87 -0.93
CA HIS A 197 -36.71 -9.16 -1.18
C HIS A 197 -37.42 -9.11 -2.53
N GLY A 198 -36.77 -9.64 -3.53
CA GLY A 198 -37.34 -9.73 -4.85
C GLY A 198 -37.51 -8.41 -5.55
N GLU A 199 -36.60 -7.46 -5.33
CA GLU A 199 -36.69 -6.14 -5.94
C GLU A 199 -36.14 -6.10 -7.35
N LEU A 200 -35.10 -6.88 -7.64
CA LEU A 200 -34.68 -7.09 -9.04
C LEU A 200 -35.08 -8.44 -9.63
N TRP A 201 -34.99 -9.51 -8.85
CA TRP A 201 -35.26 -10.86 -9.37
C TRP A 201 -36.31 -11.52 -8.51
N PRO A 202 -37.41 -11.98 -9.12
CA PRO A 202 -38.36 -12.71 -8.28
C PRO A 202 -37.67 -13.90 -7.60
N GLY A 203 -37.95 -14.09 -6.31
CA GLY A 203 -37.37 -15.20 -5.53
C GLY A 203 -36.03 -14.98 -4.86
N ILE A 204 -35.36 -13.86 -5.17
CA ILE A 204 -33.99 -13.62 -4.71
C ILE A 204 -33.94 -12.49 -3.69
N SER A 205 -33.31 -12.76 -2.55
CA SER A 205 -33.08 -11.73 -1.55
C SER A 205 -31.62 -11.29 -1.51
N ALA A 206 -31.41 -10.09 -1.01
CA ALA A 206 -30.09 -9.45 -0.93
C ALA A 206 -29.91 -8.73 0.40
N VAL A 207 -28.72 -8.88 0.96
CA VAL A 207 -28.25 -8.17 2.13
C VAL A 207 -26.93 -7.53 1.70
N ALA A 208 -26.78 -6.24 2.00
CA ALA A 208 -25.68 -5.46 1.51
C ALA A 208 -25.14 -4.49 2.55
N VAL A 209 -23.86 -4.22 2.44
CA VAL A 209 -23.19 -3.34 3.36
C VAL A 209 -22.19 -2.52 2.57
N PRO A 210 -22.07 -1.24 2.90
CA PRO A 210 -21.15 -0.35 2.18
C PRO A 210 -19.69 -0.54 2.60
N VAL A 211 -18.76 -0.29 1.67
CA VAL A 211 -17.31 -0.17 2.00
C VAL A 211 -16.93 1.28 1.80
N PHE A 212 -16.35 1.91 2.82
CA PHE A 212 -15.92 3.30 2.72
C PHE A 212 -14.45 3.40 2.38
N ASN A 213 -14.06 4.48 1.71
CA ASN A 213 -12.65 4.72 1.36
C ASN A 213 -12.10 5.90 2.15
N GLN A 214 -10.94 6.40 1.76
CA GLN A 214 -10.27 7.44 2.55
C GLN A 214 -10.95 8.82 2.51
N GLN A 215 -11.80 9.10 1.52
CA GLN A 215 -12.65 10.31 1.57
C GLN A 215 -14.02 10.02 2.16
N ASN A 216 -14.17 8.88 2.84
CA ASN A 216 -15.44 8.44 3.41
C ASN A 216 -16.58 8.29 2.42
N LYS A 217 -16.26 8.01 1.16
CA LYS A 217 -17.30 7.83 0.13
C LYS A 217 -17.49 6.32 -0.05
N VAL A 218 -18.60 5.90 -0.68
CA VAL A 218 -18.84 4.49 -0.95
C VAL A 218 -18.58 4.15 -2.41
N ASP A 219 -17.42 3.56 -2.67
CA ASP A 219 -17.04 3.06 -4.01
C ASP A 219 -17.34 1.55 -4.22
N LEU A 220 -17.58 0.82 -3.13
CA LEU A 220 -17.70 -0.61 -3.18
C LEU A 220 -18.78 -1.03 -2.22
N VAL A 221 -19.52 -2.07 -2.59
CA VAL A 221 -20.51 -2.67 -1.70
C VAL A 221 -20.30 -4.18 -1.69
N LEU A 222 -20.43 -4.79 -0.51
CA LEU A 222 -20.40 -6.22 -0.37
C LEU A 222 -21.82 -6.66 -0.16
N SER A 223 -22.23 -7.69 -0.90
CA SER A 223 -23.60 -8.16 -0.88
C SER A 223 -23.71 -9.69 -0.87
N CYS A 224 -24.79 -10.21 -0.31
CA CYS A 224 -25.08 -11.66 -0.25
C CYS A 224 -26.40 -11.91 -0.94
N LEU A 225 -26.43 -12.89 -1.82
CA LEU A 225 -27.68 -13.31 -2.47
C LEU A 225 -28.11 -14.66 -1.91
N THR A 226 -29.40 -14.78 -1.65
CA THR A 226 -30.03 -16.05 -1.33
C THR A 226 -31.47 -16.08 -1.87
N MSE A 227 -32.07 -17.26 -1.82
CA MSE A 227 -33.45 -17.44 -2.20
C MSE A 227 -34.33 -16.99 -1.07
O MSE A 227 -34.11 -17.38 0.08
CB MSE A 227 -33.77 -18.90 -2.46
CG MSE A 227 -32.91 -19.39 -3.62
SE MSE A 227 -33.58 -21.10 -4.32
CE MSE A 227 -32.81 -22.41 -3.04
N THR A 228 -35.32 -16.18 -1.38
CA THR A 228 -36.24 -15.65 -0.38
C THR A 228 -37.03 -16.75 0.30
N SER A 229 -37.46 -17.74 -0.49
CA SER A 229 -38.41 -18.73 0.00
C SER A 229 -37.81 -19.68 1.04
N VAL A 230 -36.49 -19.71 1.19
CA VAL A 230 -35.85 -20.57 2.17
C VAL A 230 -35.07 -19.83 3.24
N ILE A 231 -35.07 -18.52 3.23
CA ILE A 231 -34.54 -17.73 4.34
C ILE A 231 -35.26 -18.08 5.66
N GLN A 232 -34.49 -18.18 6.74
CA GLN A 232 -34.97 -18.61 8.06
C GLN A 232 -34.53 -17.62 9.14
N GLY A 233 -34.90 -17.90 10.39
CA GLY A 233 -34.75 -16.96 11.51
C GLY A 233 -33.46 -16.20 11.49
N GLU A 234 -32.38 -16.88 11.84
CA GLU A 234 -31.11 -16.21 12.06
C GLU A 234 -30.33 -15.86 10.79
N ASP A 235 -30.75 -16.34 9.63
CA ASP A 235 -29.97 -16.22 8.40
C ASP A 235 -29.59 -14.81 8.04
N VAL A 236 -30.58 -13.92 8.03
CA VAL A 236 -30.34 -12.54 7.62
C VAL A 236 -29.45 -11.86 8.64
N GLU A 237 -29.83 -11.98 9.91
CA GLU A 237 -29.00 -11.53 11.04
C GLU A 237 -27.55 -11.98 10.88
N ARG A 238 -27.33 -13.24 10.53
CA ARG A 238 -25.97 -13.77 10.42
C ARG A 238 -25.18 -13.16 9.28
N ALA A 239 -25.84 -12.91 8.16
CA ALA A 239 -25.18 -12.38 6.99
C ALA A 239 -24.80 -10.90 7.15
N VAL A 240 -25.67 -10.14 7.81
CA VAL A 240 -25.40 -8.76 8.17
C VAL A 240 -24.13 -8.69 9.01
N LYS A 241 -24.04 -9.56 10.00
CA LYS A 241 -22.90 -9.57 10.91
C LYS A 241 -21.60 -9.97 10.18
N ALA A 242 -21.67 -10.92 9.25
CA ALA A 242 -20.48 -11.34 8.48
C ALA A 242 -20.07 -10.25 7.45
N LEU A 243 -21.02 -9.76 6.67
CA LEU A 243 -20.80 -8.62 5.77
C LEU A 243 -20.20 -7.39 6.45
N LYS A 244 -20.71 -7.03 7.62
CA LYS A 244 -20.12 -5.91 8.38
C LYS A 244 -18.71 -6.15 8.87
N GLU A 245 -18.40 -7.35 9.39
CA GLU A 245 -17.04 -7.68 9.76
C GLU A 245 -16.09 -7.58 8.56
N SER A 246 -16.54 -8.10 7.41
CA SER A 246 -15.77 -8.00 6.19
C SER A 246 -15.68 -6.59 5.66
N ALA A 247 -16.76 -5.82 5.71
CA ALA A 247 -16.75 -4.48 5.12
C ALA A 247 -15.88 -3.49 5.94
N ALA A 248 -15.86 -3.68 7.25
CA ALA A 248 -14.97 -2.96 8.13
C ALA A 248 -13.52 -3.18 7.72
N LYS A 249 -13.14 -4.43 7.45
CA LYS A 249 -11.75 -4.73 7.02
C LYS A 249 -11.37 -4.12 5.68
N VAL A 250 -12.20 -4.36 4.68
CA VAL A 250 -12.02 -3.80 3.34
C VAL A 250 -12.06 -2.27 3.34
N SER A 251 -12.92 -1.65 4.16
CA SER A 251 -12.88 -0.19 4.40
C SER A 251 -11.54 0.23 4.94
N ALA A 252 -11.03 -0.42 5.97
CA ALA A 252 -9.64 -0.12 6.40
C ALA A 252 -8.61 -0.28 5.23
N TRP A 253 -8.76 -1.30 4.39
CA TRP A 253 -7.81 -1.51 3.26
C TRP A 253 -7.97 -0.50 2.11
N SER A 254 -9.13 0.14 2.06
CA SER A 254 -9.37 1.20 1.10
C SER A 254 -8.99 2.54 1.70
N GLY A 255 -8.31 2.56 2.86
CA GLY A 255 -7.87 3.80 3.50
C GLY A 255 -8.86 4.51 4.41
N TYR A 256 -10.04 3.93 4.66
CA TYR A 256 -10.99 4.53 5.64
C TYR A 256 -10.41 4.51 7.04
N GLN A 257 -10.71 5.54 7.84
CA GLN A 257 -10.20 5.69 9.21
C GLN A 257 -11.23 6.09 10.28
N TYR B 6 17.56 2.39 23.25
CA TYR B 6 16.75 1.15 23.37
C TYR B 6 16.16 0.61 22.06
N GLN B 7 15.83 -0.67 22.13
CA GLN B 7 15.20 -1.40 21.05
C GLN B 7 14.23 -2.40 21.68
N VAL B 8 13.00 -2.44 21.19
CA VAL B 8 12.01 -3.44 21.63
C VAL B 8 12.16 -4.67 20.74
N PRO B 9 12.73 -5.77 21.28
CA PRO B 9 13.07 -6.92 20.44
C PRO B 9 11.98 -7.44 19.52
N SER B 10 10.73 -7.47 20.00
CA SER B 10 9.59 -7.95 19.19
C SER B 10 9.23 -7.06 18.00
N VAL B 11 9.27 -5.75 18.22
CA VAL B 11 8.98 -4.74 17.17
C VAL B 11 10.07 -4.81 16.11
N ALA B 12 11.33 -4.88 16.55
CA ALA B 12 12.46 -5.10 15.62
C ALA B 12 12.26 -6.41 14.84
N LEU B 13 11.82 -7.47 15.52
CA LEU B 13 11.53 -8.73 14.82
C LEU B 13 10.36 -8.59 13.83
N ALA B 14 9.33 -7.84 14.19
CA ALA B 14 8.21 -7.55 13.27
C ALA B 14 8.67 -6.87 11.98
N ALA B 15 9.53 -5.87 12.12
CA ALA B 15 10.13 -5.15 11.00
C ALA B 15 10.97 -6.06 10.12
N ARG B 16 11.83 -6.89 10.72
CA ARG B 16 12.65 -7.81 9.94
C ARG B 16 11.78 -8.79 9.14
N VAL B 17 10.69 -9.26 9.75
CA VAL B 17 9.75 -10.17 9.06
C VAL B 17 9.20 -9.47 7.83
N LEU B 18 8.70 -8.25 8.01
CA LEU B 18 8.12 -7.50 6.92
C LEU B 18 9.11 -7.30 5.78
N LYS B 19 10.34 -6.98 6.14
CA LYS B 19 11.38 -6.72 5.13
C LYS B 19 11.71 -8.00 4.37
N LEU B 20 11.72 -9.14 5.08
CA LEU B 20 11.92 -10.44 4.48
C LEU B 20 10.81 -10.78 3.49
N LEU B 21 9.56 -10.59 3.90
CA LEU B 21 8.41 -10.87 3.02
C LEU B 21 8.27 -9.96 1.78
N SER B 22 9.00 -8.83 1.73
CA SER B 22 9.06 -7.98 0.52
C SER B 22 10.06 -8.47 -0.55
N ARG B 23 11.01 -9.31 -0.16
CA ARG B 23 11.87 -9.98 -1.14
C ARG B 23 11.10 -11.06 -1.92
N HIS B 24 11.32 -11.10 -3.23
CA HIS B 24 10.58 -12.00 -4.10
C HIS B 24 10.70 -13.45 -3.70
N LYS B 25 11.91 -13.87 -3.37
CA LYS B 25 12.17 -15.24 -2.92
C LYS B 25 11.31 -15.66 -1.69
N TYR B 26 11.00 -14.71 -0.81
CA TYR B 26 10.25 -14.99 0.41
C TYR B 26 8.85 -14.37 0.44
N ARG B 27 8.34 -13.92 -0.70
CA ARG B 27 7.01 -13.32 -0.76
C ARG B 27 5.88 -14.17 -0.15
N GLN B 28 5.97 -15.50 -0.28
CA GLN B 28 5.08 -16.47 0.39
C GLN B 28 5.92 -17.49 1.14
N SER B 29 6.08 -17.33 2.44
CA SER B 29 6.99 -18.15 3.21
C SER B 29 6.30 -18.85 4.35
N THR B 30 6.61 -20.12 4.58
CA THR B 30 6.14 -20.79 5.80
C THR B 30 6.83 -20.27 7.06
N LEU B 31 6.29 -20.64 8.21
CA LEU B 31 6.88 -20.31 9.50
C LEU B 31 8.33 -20.81 9.59
N THR B 32 8.56 -22.04 9.18
CA THR B 32 9.91 -22.57 9.26
C THR B 32 10.90 -21.87 8.36
N GLU B 33 10.47 -21.39 7.19
CA GLU B 33 11.39 -20.68 6.30
C GLU B 33 11.79 -19.31 6.88
N ILE B 34 10.89 -18.70 7.62
CA ILE B 34 11.07 -17.37 8.16
C ILE B 34 12.02 -17.44 9.37
N ALA B 35 11.68 -18.34 10.31
CA ALA B 35 12.50 -18.69 11.45
C ALA B 35 13.96 -19.00 11.08
N GLU B 36 14.13 -19.87 10.12
CA GLU B 36 15.43 -20.26 9.62
C GLU B 36 16.19 -19.04 9.06
N ARG B 37 15.54 -18.30 8.17
CA ARG B 37 16.21 -17.20 7.54
C ARG B 37 16.58 -16.09 8.53
N LEU B 38 15.74 -15.85 9.53
CA LEU B 38 15.97 -14.79 10.52
C LEU B 38 16.76 -15.28 11.75
N GLY B 39 16.95 -16.58 11.91
CA GLY B 39 17.67 -17.12 13.05
C GLY B 39 16.98 -16.99 14.39
N VAL B 40 15.65 -17.10 14.44
CA VAL B 40 14.92 -17.11 15.73
C VAL B 40 14.13 -18.39 15.81
N ASN B 41 13.70 -18.81 17.00
CA ASN B 41 12.95 -20.07 17.09
C ASN B 41 11.52 -19.88 16.61
N LYS B 42 10.89 -20.97 16.19
CA LYS B 42 9.57 -20.92 15.57
C LYS B 42 8.51 -20.24 16.42
N THR B 43 8.52 -20.55 17.73
CA THR B 43 7.55 -19.96 18.66
C THR B 43 7.64 -18.42 18.73
N THR B 44 8.85 -17.85 18.77
CA THR B 44 8.97 -16.42 18.83
C THR B 44 8.47 -15.77 17.55
N CYS B 45 8.77 -16.36 16.39
CA CYS B 45 8.27 -15.88 15.10
C CYS B 45 6.78 -15.90 15.01
N LEU B 46 6.21 -17.03 15.39
CA LEU B 46 4.78 -17.30 15.27
C LEU B 46 3.96 -16.28 16.07
N ARG B 47 4.40 -15.99 17.28
CA ARG B 47 3.81 -14.92 18.10
C ARG B 47 3.72 -13.56 17.35
N VAL B 48 4.86 -13.14 16.79
CA VAL B 48 4.94 -11.92 16.02
C VAL B 48 4.07 -11.98 14.76
N LEU B 49 4.18 -13.09 14.04
CA LEU B 49 3.42 -13.27 12.82
C LEU B 49 1.90 -13.26 13.08
N ARG B 50 1.47 -13.88 14.17
CA ARG B 50 0.09 -13.87 14.52
C ARG B 50 -0.43 -12.50 14.93
N THR B 51 0.40 -11.70 15.61
CA THR B 51 -0.03 -10.37 15.99
C THR B 51 -0.10 -9.48 14.75
N LEU B 52 0.88 -9.63 13.87
CA LEU B 52 0.89 -8.93 12.63
C LEU B 52 -0.28 -9.31 11.73
N GLU B 53 -0.68 -10.60 11.77
CA GLU B 53 -1.82 -11.11 11.00
C GLU B 53 -3.15 -10.50 11.47
N ARG B 54 -3.34 -10.38 12.80
CA ARG B 54 -4.56 -9.78 13.33
C ARG B 54 -4.72 -8.31 12.97
N GLU B 55 -3.61 -7.60 12.76
CA GLU B 55 -3.63 -6.21 12.31
C GLU B 55 -3.67 -6.04 10.77
N ASP B 56 -3.69 -7.17 10.04
CA ASP B 56 -3.63 -7.24 8.58
C ASP B 56 -2.38 -6.65 7.97
N PHE B 57 -1.29 -6.64 8.73
CA PHE B 57 0.07 -6.32 8.22
C PHE B 57 0.68 -7.51 7.51
N VAL B 58 0.17 -8.69 7.84
CA VAL B 58 0.58 -9.94 7.22
C VAL B 58 -0.70 -10.69 6.89
N SER B 59 -0.64 -11.46 5.81
CA SER B 59 -1.71 -12.32 5.43
C SER B 59 -1.23 -13.75 5.44
N TYR B 60 -2.13 -14.68 5.71
CA TYR B 60 -1.81 -16.09 5.90
C TYR B 60 -2.76 -16.92 5.10
N ASP B 61 -2.21 -17.79 4.26
CA ASP B 61 -3.02 -18.69 3.46
C ASP B 61 -3.02 -20.08 4.09
N PRO B 62 -4.10 -20.45 4.79
CA PRO B 62 -4.01 -21.76 5.45
C PRO B 62 -3.84 -22.94 4.47
N GLN B 63 -4.29 -22.80 3.21
CA GLN B 63 -4.08 -23.87 2.23
C GLN B 63 -2.59 -24.16 1.93
N SER B 64 -1.71 -23.17 2.05
CA SER B 64 -0.26 -23.36 1.77
C SER B 64 0.62 -23.24 3.01
N ARG B 65 -0.01 -22.93 4.14
CA ARG B 65 0.66 -22.54 5.38
C ARG B 65 1.68 -21.41 5.17
N ARG B 66 1.42 -20.50 4.23
CA ARG B 66 2.37 -19.43 3.87
C ARG B 66 1.86 -18.04 4.22
N TYR B 67 2.78 -17.22 4.69
CA TYR B 67 2.58 -15.86 5.12
C TYR B 67 3.13 -14.94 4.05
N SER B 68 2.49 -13.78 3.90
CA SER B 68 2.86 -12.79 2.91
C SER B 68 2.55 -11.43 3.47
N LEU B 69 3.02 -10.37 2.81
CA LEU B 69 2.63 -9.02 3.17
C LEU B 69 1.13 -8.83 2.99
N GLY B 70 0.54 -8.12 3.93
CA GLY B 70 -0.89 -8.04 4.10
C GLY B 70 -1.52 -6.78 3.55
N PRO B 71 -2.84 -6.75 3.51
CA PRO B 71 -3.53 -5.67 2.85
C PRO B 71 -3.39 -4.32 3.55
N TYR B 72 -3.19 -4.31 4.87
CA TYR B 72 -3.12 -3.03 5.58
C TYR B 72 -1.91 -2.19 5.20
N LEU B 73 -0.88 -2.81 4.69
CA LEU B 73 0.28 -2.05 4.22
C LEU B 73 0.00 -1.18 2.98
N ILE B 74 -1.07 -1.48 2.23
CA ILE B 74 -1.38 -0.77 1.00
C ILE B 74 -1.76 0.68 1.31
N PRO B 75 -2.83 0.91 2.11
CA PRO B 75 -3.14 2.30 2.43
C PRO B 75 -2.11 2.96 3.32
N LEU B 76 -1.42 2.18 4.13
CA LEU B 76 -0.38 2.68 5.00
C LEU B 76 0.77 3.25 4.18
N GLY B 77 1.20 2.51 3.16
CA GLY B 77 2.24 2.97 2.27
C GLY B 77 1.81 4.11 1.38
N ALA B 78 0.59 4.05 0.88
CA ALA B 78 0.09 5.17 0.10
C ALA B 78 0.13 6.44 0.98
N ARG B 79 -0.33 6.37 2.24
CA ARG B 79 -0.35 7.54 3.12
C ARG B 79 1.09 8.02 3.43
N ALA B 80 2.02 7.11 3.56
CA ALA B 80 3.40 7.53 3.86
C ALA B 80 3.96 8.33 2.70
N ALA B 81 3.45 8.07 1.51
CA ALA B 81 3.79 8.85 0.33
C ALA B 81 3.07 10.14 0.37
N ASP B 82 1.74 10.12 0.40
CA ASP B 82 0.99 11.36 0.16
C ASP B 82 0.80 12.34 1.34
N LEU B 83 1.09 11.92 2.56
CA LEU B 83 1.03 12.83 3.72
C LEU B 83 2.26 13.68 3.86
N ASN B 84 3.37 13.22 3.27
CA ASN B 84 4.66 13.90 3.24
C ASN B 84 4.84 14.62 1.89
N ASP B 85 5.02 15.92 1.96
CA ASP B 85 5.22 16.74 0.77
C ASP B 85 6.44 16.32 -0.07
N VAL B 86 7.52 15.91 0.57
CA VAL B 86 8.71 15.54 -0.16
C VAL B 86 8.50 14.26 -0.98
N TYR B 87 7.93 13.23 -0.34
CA TYR B 87 7.76 11.96 -1.02
C TYR B 87 6.64 12.06 -2.08
N ALA B 88 5.54 12.74 -1.78
CA ALA B 88 4.43 12.89 -2.74
C ALA B 88 4.89 13.49 -4.05
N HIS B 89 5.68 14.55 -3.97
CA HIS B 89 6.16 15.26 -5.17
C HIS B 89 7.25 14.51 -5.91
N ALA B 90 8.14 13.83 -5.17
CA ALA B 90 9.22 13.08 -5.78
C ALA B 90 8.66 11.88 -6.56
N LEU B 91 7.68 11.18 -5.99
CA LEU B 91 7.03 10.07 -6.72
C LEU B 91 6.27 10.54 -7.98
N ALA B 92 5.59 11.67 -7.89
CA ALA B 92 4.97 12.32 -9.05
C ALA B 92 5.99 12.71 -10.13
N GLU B 93 7.15 13.20 -9.69
CA GLU B 93 8.23 13.56 -10.60
C GLU B 93 8.79 12.36 -11.38
N LEU B 94 8.78 11.16 -10.80
CA LEU B 94 9.26 9.96 -11.51
C LEU B 94 8.48 9.75 -12.80
N HIS B 95 7.15 9.94 -12.73
CA HIS B 95 6.28 9.85 -13.89
C HIS B 95 6.66 10.89 -14.94
N GLN B 96 6.98 12.11 -14.52
CA GLN B 96 7.47 13.15 -15.44
C GLN B 96 8.75 12.70 -16.14
N VAL B 97 9.72 12.27 -15.35
CA VAL B 97 11.02 11.86 -15.86
C VAL B 97 10.89 10.74 -16.91
N ALA B 98 10.16 9.69 -16.55
CA ALA B 98 9.91 8.56 -17.44
C ALA B 98 9.20 8.93 -18.74
N ALA B 99 8.13 9.71 -18.62
CA ALA B 99 7.42 10.15 -19.81
C ALA B 99 8.29 10.99 -20.76
N HIS B 100 9.18 11.84 -20.24
CA HIS B 100 9.99 12.75 -21.09
C HIS B 100 11.30 12.12 -21.59
N THR B 101 11.84 11.15 -20.87
CA THR B 101 13.09 10.51 -21.29
C THR B 101 12.90 9.18 -22.03
N GLY B 102 11.74 8.55 -21.86
CA GLY B 102 11.52 7.19 -22.32
C GLY B 102 12.30 6.13 -21.56
N MSE B 103 12.77 6.44 -20.35
CA MSE B 103 13.55 5.52 -19.52
C MSE B 103 12.81 5.24 -18.24
O MSE B 103 11.91 5.99 -17.86
CB MSE B 103 14.87 6.20 -19.19
CG MSE B 103 15.66 6.37 -20.47
SE MSE B 103 17.41 7.25 -20.18
CE MSE B 103 17.24 8.36 -21.81
N THR B 104 13.18 4.15 -17.57
CA THR B 104 12.57 3.80 -16.31
C THR B 104 13.24 4.63 -15.24
N ALA B 105 12.42 5.41 -14.54
CA ALA B 105 12.87 6.29 -13.47
C ALA B 105 12.68 5.68 -12.08
N VAL B 106 13.65 5.95 -11.20
CA VAL B 106 13.64 5.37 -9.85
C VAL B 106 14.01 6.39 -8.76
N LEU B 107 13.36 6.27 -7.60
CA LEU B 107 13.70 7.07 -6.43
C LEU B 107 14.48 6.18 -5.48
N VAL B 108 15.68 6.63 -5.13
CA VAL B 108 16.54 5.89 -4.20
C VAL B 108 16.67 6.66 -2.90
N LYS B 109 16.63 5.93 -1.78
CA LYS B 109 16.61 6.55 -0.46
C LYS B 109 17.72 5.98 0.43
N ARG B 110 18.48 6.86 1.09
CA ARG B 110 19.50 6.46 2.08
C ARG B 110 18.84 5.99 3.37
N LEU B 111 19.24 4.81 3.84
CA LEU B 111 18.77 4.24 5.10
C LEU B 111 19.91 4.26 6.10
N ARG B 112 19.64 3.75 7.29
CA ARG B 112 20.69 3.48 8.24
C ARG B 112 21.55 2.29 7.82
N ASP B 113 22.76 2.21 8.39
CA ASP B 113 23.70 1.09 8.19
C ASP B 113 24.27 1.02 6.77
N ASP B 114 24.49 2.17 6.15
CA ASP B 114 25.10 2.30 4.81
C ASP B 114 24.37 1.49 3.71
N ARG B 115 23.05 1.39 3.85
CA ARG B 115 22.18 0.81 2.85
C ARG B 115 21.36 1.91 2.15
N VAL B 116 20.90 1.59 0.94
CA VAL B 116 19.88 2.41 0.24
C VAL B 116 18.80 1.49 -0.26
N ILE B 117 17.68 2.08 -0.63
CA ILE B 117 16.51 1.34 -1.09
C ILE B 117 15.75 2.05 -2.22
N TYR B 118 15.31 1.26 -3.18
CA TYR B 118 14.34 1.72 -4.17
C TYR B 118 13.00 1.96 -3.51
N ILE B 119 12.60 3.22 -3.46
CA ILE B 119 11.33 3.66 -2.83
C ILE B 119 10.16 3.48 -3.82
N GLY B 120 10.41 3.78 -5.08
CA GLY B 120 9.44 3.64 -6.14
C GLY B 120 10.06 3.78 -7.52
N SER B 121 9.30 3.42 -8.54
CA SER B 121 9.67 3.64 -9.91
C SER B 121 8.46 3.91 -10.77
N ALA B 122 8.76 4.45 -11.94
CA ALA B 122 7.80 4.68 -12.96
C ALA B 122 8.42 4.19 -14.28
N GLU B 123 7.61 3.45 -15.03
CA GLU B 123 8.01 2.91 -16.31
C GLU B 123 7.45 3.81 -17.38
N PRO B 124 8.17 4.00 -18.50
CA PRO B 124 7.60 4.90 -19.52
C PRO B 124 6.21 4.47 -19.97
N PRO B 125 5.35 5.44 -20.25
CA PRO B 125 3.96 5.14 -20.55
C PRO B 125 3.83 4.54 -21.95
N GLY B 126 2.66 3.98 -22.20
CA GLY B 126 2.40 3.29 -23.45
C GLY B 126 3.12 1.96 -23.48
N ASP B 127 3.28 1.45 -24.68
CA ASP B 127 3.68 0.08 -24.90
C ASP B 127 5.13 -0.03 -25.36
N GLY B 128 5.59 -1.27 -25.52
CA GLY B 128 6.99 -1.58 -25.77
C GLY B 128 7.47 -2.39 -24.58
N VAL B 129 8.69 -2.93 -24.71
CA VAL B 129 9.37 -3.51 -23.56
C VAL B 129 9.75 -2.39 -22.65
N ARG B 130 9.71 -2.68 -21.36
CA ARG B 130 10.14 -1.77 -20.34
C ARG B 130 11.19 -2.50 -19.54
N ILE B 131 12.03 -1.72 -18.89
CA ILE B 131 12.94 -2.23 -17.87
C ILE B 131 12.22 -2.04 -16.56
N ALA B 132 12.15 -3.11 -15.77
CA ALA B 132 11.45 -3.06 -14.47
C ALA B 132 12.45 -3.40 -13.39
N VAL B 133 12.31 -2.71 -12.28
CA VAL B 133 13.16 -2.85 -11.10
C VAL B 133 12.32 -3.46 -10.00
N SER B 134 12.96 -4.06 -9.00
CA SER B 134 12.26 -4.58 -7.85
C SER B 134 12.14 -3.45 -6.83
N VAL B 135 10.93 -2.94 -6.66
CA VAL B 135 10.73 -1.85 -5.69
C VAL B 135 10.97 -2.45 -4.31
N GLY B 136 11.66 -1.68 -3.48
CA GLY B 136 12.03 -2.14 -2.13
C GLY B 136 13.32 -2.94 -2.04
N GLN B 137 14.01 -3.14 -3.17
CA GLN B 137 15.29 -3.79 -3.14
C GLN B 137 16.31 -2.88 -2.46
N GLN B 138 17.11 -3.44 -1.56
CA GLN B 138 18.22 -2.73 -0.91
C GLN B 138 19.56 -2.92 -1.66
N PHE B 139 20.45 -1.95 -1.46
CA PHE B 139 21.74 -1.89 -2.10
C PHE B 139 22.75 -1.27 -1.14
N PRO B 140 24.05 -1.64 -1.31
CA PRO B 140 25.05 -0.88 -0.55
C PRO B 140 25.08 0.56 -1.03
N VAL B 141 25.27 1.47 -0.10
CA VAL B 141 25.28 2.92 -0.37
C VAL B 141 26.31 3.36 -1.39
N TYR B 142 27.35 2.56 -1.58
CA TYR B 142 28.36 2.82 -2.63
C TYR B 142 28.05 2.39 -4.07
N GLY B 143 27.02 1.57 -4.31
CA GLY B 143 26.85 0.92 -5.63
C GLY B 143 26.33 1.79 -6.78
N ALA B 144 26.87 1.57 -7.98
CA ALA B 144 26.40 2.18 -9.25
C ALA B 144 26.22 3.71 -9.21
N ALA B 145 25.47 4.27 -10.17
CA ALA B 145 25.36 5.74 -10.29
C ALA B 145 24.79 6.42 -9.03
N PHE B 146 23.78 5.80 -8.42
CA PHE B 146 23.19 6.39 -7.22
C PHE B 146 24.13 6.43 -6.02
N GLY B 147 24.93 5.38 -5.84
CA GLY B 147 25.92 5.35 -4.81
C GLY B 147 26.83 6.55 -4.80
N ARG B 148 27.32 6.95 -5.96
CA ARG B 148 28.20 8.12 -6.06
C ARG B 148 27.47 9.44 -5.80
N CYS B 149 26.18 9.50 -6.11
CA CYS B 149 25.37 10.66 -5.79
C CYS B 149 25.17 10.84 -4.28
N PHE B 150 25.09 9.75 -3.54
CA PHE B 150 25.04 9.82 -2.09
C PHE B 150 26.40 10.21 -1.50
N LEU B 151 27.43 9.49 -1.94
CA LEU B 151 28.75 9.60 -1.33
C LEU B 151 29.55 10.84 -1.68
N ALA B 152 29.30 11.44 -2.84
CA ALA B 152 30.08 12.60 -3.26
C ALA B 152 29.86 13.84 -2.40
N TYR B 153 28.74 13.93 -1.69
CA TYR B 153 28.47 15.10 -0.82
C TYR B 153 28.53 14.79 0.69
N ASP B 154 28.87 13.57 1.06
CA ASP B 154 29.17 13.22 2.45
C ASP B 154 30.49 13.84 2.91
N ASP B 155 30.56 14.15 4.21
CA ASP B 155 31.82 14.38 4.94
C ASP B 155 32.66 13.10 4.88
N GLU B 156 33.97 13.26 4.77
CA GLU B 156 34.91 12.11 4.64
C GLU B 156 34.92 11.10 5.79
N SER B 157 34.27 11.46 6.91
CA SER B 157 33.88 10.51 7.97
C SER B 157 33.04 9.33 7.46
N THR B 158 32.20 9.58 6.45
CA THR B 158 31.40 8.54 5.79
C THR B 158 32.08 7.94 4.55
N TRP B 159 32.89 8.71 3.82
CA TRP B 159 33.71 8.19 2.69
C TRP B 159 34.51 7.02 3.16
N ARG B 160 35.37 7.27 4.15
CA ARG B 160 36.44 6.34 4.45
C ARG B 160 35.92 5.04 5.09
N ARG B 161 34.97 5.14 6.02
CA ARG B 161 34.37 3.97 6.67
C ARG B 161 33.87 2.90 5.67
N VAL B 162 33.21 3.36 4.60
CA VAL B 162 32.59 2.49 3.60
C VAL B 162 33.61 1.94 2.60
N LEU B 163 34.54 2.80 2.17
CA LEU B 163 35.73 2.36 1.40
C LEU B 163 36.50 1.29 2.18
N ARG B 164 36.80 1.54 3.45
CA ARG B 164 37.50 0.55 4.31
C ARG B 164 36.81 -0.83 4.42
N GLU B 165 35.47 -0.86 4.43
CA GLU B 165 34.70 -2.13 4.47
C GLU B 165 34.99 -3.02 3.24
N GLY B 166 35.30 -2.38 2.10
CA GLY B 166 35.53 -3.07 0.84
C GLY B 166 34.33 -2.79 -0.08
N LEU B 167 34.62 -2.72 -1.36
CA LEU B 167 33.59 -2.58 -2.38
C LEU B 167 33.36 -3.93 -3.06
N LYS B 168 32.14 -4.46 -2.95
CA LYS B 168 31.70 -5.65 -3.69
C LYS B 168 31.71 -5.47 -5.23
N ALA B 169 32.26 -6.45 -5.93
CA ALA B 169 32.26 -6.47 -7.41
C ALA B 169 31.08 -7.27 -7.90
N TYR B 170 29.96 -6.58 -8.14
CA TYR B 170 28.76 -7.17 -8.73
C TYR B 170 28.95 -7.70 -10.17
N THR B 171 29.73 -7.00 -10.97
CA THR B 171 29.93 -7.34 -12.38
C THR B 171 31.36 -6.99 -12.70
N PRO B 172 31.86 -7.32 -13.90
CA PRO B 172 33.25 -6.95 -14.17
C PRO B 172 33.51 -5.45 -14.33
N ASN B 173 32.49 -4.62 -14.44
CA ASN B 173 32.66 -3.16 -14.51
C ASN B 173 32.33 -2.43 -13.23
N SER B 174 32.05 -3.17 -12.15
CA SER B 174 31.87 -2.54 -10.85
C SER B 174 33.22 -1.90 -10.48
N ILE B 175 33.17 -0.69 -9.92
CA ILE B 175 34.35 0.04 -9.51
C ILE B 175 34.69 -0.51 -8.13
N THR B 176 35.80 -1.23 -8.05
CA THR B 176 36.32 -1.72 -6.77
C THR B 176 37.66 -1.07 -6.32
N ASP B 177 38.40 -0.43 -7.24
CA ASP B 177 39.61 0.32 -6.90
C ASP B 177 39.25 1.61 -6.15
N GLU B 178 39.75 1.74 -4.92
CA GLU B 178 39.41 2.88 -4.07
C GLU B 178 39.83 4.23 -4.65
N GLU B 179 40.98 4.27 -5.31
CA GLU B 179 41.51 5.51 -5.90
C GLU B 179 40.67 5.97 -7.09
N GLU B 180 40.29 5.02 -7.96
CA GLU B 180 39.44 5.33 -9.11
C GLU B 180 38.09 5.84 -8.65
N TYR B 181 37.57 5.24 -7.59
CA TYR B 181 36.28 5.63 -7.04
C TYR B 181 36.30 7.05 -6.51
N VAL B 182 37.38 7.42 -5.82
CA VAL B 182 37.54 8.77 -5.29
C VAL B 182 37.57 9.83 -6.42
N ARG B 183 38.35 9.59 -7.48
CA ARG B 183 38.35 10.49 -8.65
C ARG B 183 36.93 10.66 -9.27
N LEU B 184 36.20 9.57 -9.40
CA LEU B 184 34.79 9.60 -9.84
C LEU B 184 33.84 10.40 -8.92
N LEU B 185 34.06 10.34 -7.61
CA LEU B 185 33.32 11.18 -6.67
C LEU B 185 33.61 12.69 -6.87
N GLN B 186 34.87 13.03 -7.18
CA GLN B 186 35.24 14.40 -7.54
C GLN B 186 34.51 14.83 -8.79
N GLU B 187 34.42 13.91 -9.75
CA GLU B 187 33.73 14.16 -11.00
C GLU B 187 32.22 14.40 -10.80
N VAL B 188 31.58 13.62 -9.92
CA VAL B 188 30.17 13.84 -9.59
C VAL B 188 29.95 15.24 -9.03
N ARG B 189 30.80 15.69 -8.09
CA ARG B 189 30.64 17.04 -7.53
C ARG B 189 30.69 18.14 -8.60
N GLU B 190 31.60 18.04 -9.55
CA GLU B 190 31.72 19.04 -10.60
C GLU B 190 30.53 19.05 -11.56
N LYS B 191 30.11 17.85 -12.01
CA LYS B 191 29.10 17.73 -13.04
C LYS B 191 27.66 17.73 -12.52
N GLY B 192 27.49 17.28 -11.29
CA GLY B 192 26.19 17.22 -10.63
C GLY B 192 25.40 15.98 -10.98
N TYR B 193 26.04 15.00 -11.61
CA TYR B 193 25.35 13.77 -12.01
C TYR B 193 26.37 12.65 -12.14
N ALA B 194 25.91 11.42 -12.23
CA ALA B 194 26.75 10.25 -12.44
C ALA B 194 26.11 9.30 -13.41
N VAL B 195 26.95 8.60 -14.16
CA VAL B 195 26.56 7.61 -15.17
C VAL B 195 27.26 6.29 -14.84
N SER B 196 26.53 5.17 -14.84
CA SER B 196 27.12 3.84 -14.69
C SER B 196 26.71 3.00 -15.88
N HIS B 197 27.64 2.18 -16.39
CA HIS B 197 27.37 1.26 -17.49
C HIS B 197 27.67 -0.18 -17.04
N GLY B 198 26.61 -0.89 -16.64
CA GLY B 198 26.75 -2.28 -16.28
C GLY B 198 27.49 -2.53 -14.96
N GLU B 199 27.54 -1.52 -14.10
CA GLU B 199 28.22 -1.62 -12.81
C GLU B 199 27.47 -2.48 -11.80
N LEU B 200 26.14 -2.55 -11.92
CA LEU B 200 25.28 -3.36 -11.04
C LEU B 200 24.64 -4.57 -11.74
N TRP B 201 24.02 -4.34 -12.89
CA TRP B 201 23.48 -5.40 -13.75
C TRP B 201 24.12 -5.34 -15.15
N PRO B 202 24.55 -6.48 -15.70
CA PRO B 202 25.12 -6.38 -17.05
C PRO B 202 24.06 -5.98 -18.08
N GLY B 203 24.41 -5.05 -18.96
CA GLY B 203 23.49 -4.49 -19.95
C GLY B 203 22.63 -3.30 -19.50
N ILE B 204 22.68 -2.92 -18.23
CA ILE B 204 21.88 -1.80 -17.76
C ILE B 204 22.79 -0.62 -17.51
N SER B 205 22.39 0.56 -17.97
CA SER B 205 23.09 1.79 -17.69
C SER B 205 22.11 2.67 -16.94
N ALA B 206 22.65 3.58 -16.14
CA ALA B 206 21.85 4.53 -15.44
C ALA B 206 22.49 5.89 -15.37
N VAL B 207 21.63 6.89 -15.24
CA VAL B 207 21.98 8.26 -14.93
C VAL B 207 21.36 8.60 -13.57
N ALA B 208 22.14 9.16 -12.68
CA ALA B 208 21.62 9.53 -11.37
C ALA B 208 21.97 10.97 -10.97
N VAL B 209 21.09 11.60 -10.19
CA VAL B 209 21.25 13.00 -9.77
C VAL B 209 20.88 13.07 -8.29
N PRO B 210 21.65 13.82 -7.49
CA PRO B 210 21.31 13.98 -6.09
C PRO B 210 20.16 14.98 -5.89
N VAL B 211 19.38 14.78 -4.84
CA VAL B 211 18.38 15.73 -4.38
C VAL B 211 18.97 16.25 -3.08
N PHE B 212 19.30 17.55 -3.02
CA PHE B 212 19.91 18.15 -1.84
C PHE B 212 18.86 18.46 -0.77
N ASN B 213 19.14 18.01 0.47
CA ASN B 213 18.37 18.39 1.68
C ASN B 213 18.82 19.76 2.21
N GLN B 214 18.33 20.15 3.39
CA GLN B 214 18.68 21.46 3.98
C GLN B 214 20.14 21.62 4.42
N GLN B 215 20.89 20.52 4.56
CA GLN B 215 22.32 20.56 4.97
C GLN B 215 23.32 20.45 3.82
N ASN B 216 22.86 20.64 2.58
CA ASN B 216 23.63 20.35 1.35
C ASN B 216 24.00 18.88 1.24
N LYS B 217 23.32 18.00 1.98
CA LYS B 217 23.62 16.56 1.96
C LYS B 217 22.57 15.82 1.12
N VAL B 218 22.74 14.53 0.92
CA VAL B 218 21.91 13.79 0.01
C VAL B 218 21.23 12.62 0.72
N ASP B 219 19.92 12.72 0.88
CA ASP B 219 19.11 11.61 1.40
C ASP B 219 18.33 10.89 0.29
N LEU B 220 18.16 11.53 -0.86
CA LEU B 220 17.41 10.98 -1.97
C LEU B 220 18.11 11.21 -3.28
N VAL B 221 18.09 10.20 -4.16
CA VAL B 221 18.72 10.27 -5.46
C VAL B 221 17.63 9.88 -6.45
N LEU B 222 17.54 10.58 -7.58
CA LEU B 222 16.63 10.24 -8.66
C LEU B 222 17.43 9.58 -9.75
N SER B 223 16.94 8.49 -10.33
CA SER B 223 17.72 7.76 -11.31
C SER B 223 16.94 7.37 -12.56
N CYS B 224 17.65 7.25 -13.66
CA CYS B 224 17.09 6.81 -14.94
C CYS B 224 17.78 5.55 -15.40
N LEU B 225 17.03 4.60 -15.90
CA LEU B 225 17.59 3.31 -16.29
C LEU B 225 17.30 2.99 -17.75
N THR B 226 18.31 2.53 -18.48
CA THR B 226 18.07 1.99 -19.83
C THR B 226 19.09 0.91 -20.20
N MSE B 227 18.92 0.33 -21.37
CA MSE B 227 19.87 -0.64 -21.87
C MSE B 227 21.14 0.04 -22.33
O MSE B 227 21.12 1.06 -23.03
CB MSE B 227 19.30 -1.47 -22.98
CG MSE B 227 18.21 -2.35 -22.40
SE MSE B 227 17.42 -3.43 -23.83
CE MSE B 227 16.28 -1.96 -24.50
N THR B 228 22.28 -0.54 -21.97
CA THR B 228 23.54 0.02 -22.38
C THR B 228 23.71 0.02 -23.91
N SER B 229 23.30 -1.07 -24.55
CA SER B 229 23.36 -1.20 -26.01
C SER B 229 22.57 -0.14 -26.80
N VAL B 230 21.56 0.48 -26.19
CA VAL B 230 20.69 1.44 -26.87
C VAL B 230 21.02 2.91 -26.53
N ILE B 231 21.71 3.15 -25.41
CA ILE B 231 21.93 4.52 -24.94
C ILE B 231 22.90 5.26 -25.90
N GLN B 232 22.50 6.47 -26.30
CA GLN B 232 23.33 7.40 -27.08
C GLN B 232 23.61 8.66 -26.20
N GLY B 233 24.47 9.55 -26.67
CA GLY B 233 24.81 10.76 -25.91
C GLY B 233 23.62 11.66 -25.64
N GLU B 234 22.76 11.81 -26.66
CA GLU B 234 21.52 12.57 -26.54
C GLU B 234 20.62 12.05 -25.42
N ASP B 235 20.60 10.73 -25.21
CA ASP B 235 19.84 10.12 -24.12
C ASP B 235 20.36 10.52 -22.72
N VAL B 236 21.68 10.53 -22.58
CA VAL B 236 22.28 10.99 -21.34
C VAL B 236 21.91 12.45 -21.06
N GLU B 237 22.04 13.33 -22.06
CA GLU B 237 21.69 14.73 -21.91
C GLU B 237 20.23 14.92 -21.50
N ARG B 238 19.32 14.31 -22.25
CA ARG B 238 17.90 14.32 -21.86
C ARG B 238 17.71 13.88 -20.41
N ALA B 239 18.22 12.71 -20.06
CA ALA B 239 18.07 12.20 -18.68
C ALA B 239 18.60 13.18 -17.63
N VAL B 240 19.72 13.81 -17.91
CA VAL B 240 20.31 14.78 -16.97
C VAL B 240 19.41 15.99 -16.78
N LYS B 241 18.86 16.53 -17.87
CA LYS B 241 17.96 17.68 -17.75
C LYS B 241 16.71 17.33 -16.97
N ALA B 242 16.06 16.22 -17.32
CA ALA B 242 14.83 15.81 -16.62
C ALA B 242 15.06 15.58 -15.14
N LEU B 243 16.13 14.84 -14.85
CA LEU B 243 16.48 14.47 -13.49
C LEU B 243 16.86 15.67 -12.65
N LYS B 244 17.67 16.55 -13.23
CA LYS B 244 18.07 17.79 -12.54
C LYS B 244 16.92 18.71 -12.27
N GLU B 245 16.04 18.89 -13.25
CA GLU B 245 14.84 19.73 -13.07
C GLU B 245 13.95 19.13 -11.96
N SER B 246 13.60 17.86 -12.08
CA SER B 246 12.88 17.14 -11.02
C SER B 246 13.55 17.23 -9.66
N ALA B 247 14.87 17.09 -9.60
CA ALA B 247 15.60 17.16 -8.32
C ALA B 247 15.44 18.50 -7.62
N ALA B 248 15.53 19.57 -8.40
CA ALA B 248 15.43 20.94 -7.89
C ALA B 248 14.03 21.19 -7.34
N LYS B 249 12.99 20.68 -8.02
CA LYS B 249 11.62 20.79 -7.46
C LYS B 249 11.46 20.02 -6.13
N VAL B 250 12.08 18.86 -6.01
CA VAL B 250 12.00 18.07 -4.77
C VAL B 250 12.77 18.73 -3.62
N SER B 251 13.97 19.24 -3.91
CA SER B 251 14.75 20.02 -2.93
C SER B 251 13.93 21.21 -2.39
N ALA B 252 13.20 21.87 -3.28
CA ALA B 252 12.37 22.99 -2.92
C ALA B 252 11.47 22.62 -1.76
N TRP B 253 10.85 21.43 -1.83
CA TRP B 253 9.97 20.94 -0.76
C TRP B 253 10.66 20.41 0.51
N SER B 254 11.98 20.17 0.48
CA SER B 254 12.72 19.71 1.69
C SER B 254 12.84 20.69 2.88
N GLY B 255 12.35 21.94 2.73
CA GLY B 255 12.15 22.84 3.88
C GLY B 255 11.11 22.35 4.89
C1 GOL C . -29.09 -20.76 -1.20
O1 GOL C . -30.40 -20.17 -1.08
C2 GOL C . -28.14 -19.80 -1.91
O2 GOL C . -27.79 -18.70 -1.05
C3 GOL C . -26.84 -20.47 -2.36
O3 GOL C . -26.11 -19.59 -3.24
#